data_6SQP
#
_entry.id   6SQP
#
_cell.length_a   29.240
_cell.length_b   39.760
_cell.length_c   104.380
_cell.angle_alpha   90.00
_cell.angle_beta   93.40
_cell.angle_gamma   90.00
#
_symmetry.space_group_name_H-M   'P 1 21 1'
#
loop_
_entity.id
_entity.type
_entity.pdbx_description
1 polymer 'E3 ubiquitin-protein ligase Mdm2'
2 polymer 'E3 ubiquitin-protein ligase Mdm2'
3 polymer 'E3 ubiquitin-protein ligase Mdm2'
4 non-polymer 'ZINC ION'
5 non-polymer 'CHLORIDE ION'
6 non-polymer 'NITRATE ION'
7 water water
#
loop_
_entity_poly.entity_id
_entity_poly.type
_entity_poly.pdbx_seq_one_letter_code
_entity_poly.pdbx_strand_id
1 'polypeptide(L)' EFPHNAIEPCVICQTRPKNGCIVHGKTGHLMACFTCAKKLKKRNKPCPVCRQPIQMIVLTYFP A
2 'polypeptide(L)' EIVEPEFPHNAIEPCVICQTRPKNGCIVHGKTGHLMACFTCAKKLKKRNKPCPVCRQPIQMIVLTYFP B,D
3 'polypeptide(L)' EPEFPHNAIEPCVICQTRPKNGCIVHGKTGHLMACFTCAKKLKKRNKPCPVCRQPIQMIVLTYFP C
#
# COMPACT_ATOMS: atom_id res chain seq x y z
N GLU A 1 16.10 14.19 6.40
CA GLU A 1 15.38 14.96 7.41
C GLU A 1 13.94 14.50 7.54
N PHE A 2 13.69 13.66 8.52
CA PHE A 2 12.36 13.15 8.80
C PHE A 2 11.73 13.92 9.95
N PRO A 3 10.40 13.97 10.02
CA PRO A 3 9.74 14.88 10.97
C PRO A 3 9.83 14.45 12.43
N HIS A 4 11.01 14.52 13.03
CA HIS A 4 11.11 14.24 14.47
C HIS A 4 10.35 15.27 15.30
N ASN A 5 10.16 16.48 14.80
CA ASN A 5 9.38 17.47 15.53
C ASN A 5 7.95 16.99 15.77
N ALA A 6 7.45 16.11 14.90
CA ALA A 6 6.07 15.65 15.01
C ALA A 6 5.81 14.90 16.31
N ILE A 7 6.84 14.35 16.95
CA ILE A 7 6.66 13.57 18.16
C ILE A 7 6.78 14.42 19.42
N GLU A 8 7.16 15.68 19.30
CA GLU A 8 7.20 16.57 20.44
C GLU A 8 5.77 17.02 20.77
N PRO A 9 5.51 17.41 22.02
CA PRO A 9 4.16 17.83 22.38
C PRO A 9 3.79 19.17 21.75
N CYS A 10 2.47 19.38 21.67
CA CYS A 10 1.89 20.64 21.19
C CYS A 10 2.66 21.84 21.72
N VAL A 11 3.05 22.73 20.80
CA VAL A 11 3.86 23.88 21.20
C VAL A 11 3.08 24.81 22.12
N ILE A 12 1.75 24.79 22.01
CA ILE A 12 0.93 25.71 22.80
C ILE A 12 0.73 25.21 24.21
N CYS A 13 0.33 23.95 24.37
CA CYS A 13 -0.03 23.43 25.68
C CYS A 13 0.97 22.46 26.30
N GLN A 14 1.87 21.87 25.51
CA GLN A 14 2.96 21.03 26.00
C GLN A 14 2.52 19.70 26.60
N THR A 15 1.23 19.33 26.51
CA THR A 15 0.76 18.11 27.13
C THR A 15 -0.08 17.22 26.23
N ARG A 16 -0.20 17.56 24.95
CA ARG A 16 -1.01 16.79 24.02
C ARG A 16 -0.22 16.55 22.74
N PRO A 17 -0.51 15.46 22.03
CA PRO A 17 0.21 15.18 20.78
C PRO A 17 -0.23 16.12 19.67
N LYS A 18 0.67 16.30 18.70
CA LYS A 18 0.45 17.19 17.55
C LYS A 18 -0.45 16.50 16.54
N ASN A 19 -1.75 16.75 16.64
CA ASN A 19 -2.72 16.19 15.70
C ASN A 19 -3.67 17.26 15.14
N GLY A 20 -3.37 18.54 15.35
CA GLY A 20 -4.21 19.59 14.79
C GLY A 20 -3.48 20.34 13.70
N CYS A 21 -3.55 19.84 12.47
CA CYS A 21 -2.84 20.46 11.37
C CYS A 21 -3.53 21.77 10.96
N ILE A 22 -2.74 22.83 10.89
CA ILE A 22 -3.24 24.16 10.56
C ILE A 22 -3.00 24.38 9.07
N VAL A 23 -4.07 24.40 8.30
CA VAL A 23 -4.01 24.50 6.85
C VAL A 23 -4.11 25.95 6.42
N HIS A 24 -3.32 26.32 5.41
CA HIS A 24 -3.41 27.62 4.76
C HIS A 24 -2.91 27.43 3.34
N GLY A 25 -3.70 27.86 2.36
CA GLY A 25 -3.36 27.54 0.99
C GLY A 25 -3.33 26.03 0.83
N LYS A 26 -2.28 25.53 0.18
CA LYS A 26 -2.11 24.10 -0.03
C LYS A 26 -1.19 23.45 1.00
N THR A 27 -0.72 24.20 2.00
CA THR A 27 0.22 23.69 2.98
C THR A 27 -0.42 23.64 4.35
N GLY A 28 0.21 22.88 5.24
CA GLY A 28 -0.20 22.78 6.63
C GLY A 28 1.00 22.90 7.54
N HIS A 29 0.82 23.53 8.69
CA HIS A 29 1.81 23.52 9.75
C HIS A 29 1.26 22.69 10.89
N LEU A 30 1.96 21.61 11.22
CA LEU A 30 1.55 20.71 12.28
C LEU A 30 2.52 20.88 13.45
N MET A 31 2.07 21.62 14.46
N MET A 31 2.06 21.60 14.47
CA MET A 31 2.85 21.81 15.68
CA MET A 31 2.86 21.80 15.67
C MET A 31 1.98 21.97 16.90
C MET A 31 1.97 22.00 16.90
N ALA A 32 0.66 21.85 16.78
CA ALA A 32 -0.27 22.04 17.87
C ALA A 32 -1.25 20.88 17.88
N CYS A 33 -1.83 20.64 19.05
CA CYS A 33 -2.88 19.64 19.15
C CYS A 33 -4.19 20.19 18.59
N PHE A 34 -5.14 19.28 18.38
CA PHE A 34 -6.40 19.68 17.75
C PHE A 34 -7.13 20.72 18.59
N THR A 35 -7.16 20.53 19.91
CA THR A 35 -7.88 21.48 20.77
C THR A 35 -7.30 22.88 20.66
N CYS A 36 -5.98 23.00 20.78
CA CYS A 36 -5.36 24.33 20.71
C CYS A 36 -5.54 24.94 19.35
N ALA A 37 -5.36 24.16 18.29
CA ALA A 37 -5.49 24.69 16.94
C ALA A 37 -6.92 25.14 16.66
N LYS A 38 -7.91 24.37 17.13
CA LYS A 38 -9.31 24.75 16.89
C LYS A 38 -9.66 26.03 17.64
N LYS A 39 -9.11 26.23 18.84
CA LYS A 39 -9.35 27.49 19.54
C LYS A 39 -8.87 28.68 18.72
N LEU A 40 -7.74 28.54 18.02
CA LEU A 40 -7.23 29.62 17.18
C LEU A 40 -8.16 29.89 16.00
N LYS A 41 -8.59 28.83 15.31
CA LYS A 41 -9.45 29.02 14.16
C LYS A 41 -10.78 29.63 14.56
N LYS A 42 -11.33 29.21 15.70
CA LYS A 42 -12.60 29.77 16.17
C LYS A 42 -12.49 31.25 16.48
N ARG A 43 -11.33 31.71 16.92
CA ARG A 43 -11.10 33.12 17.22
C ARG A 43 -10.50 33.88 16.05
N ASN A 44 -10.42 33.25 14.89
CA ASN A 44 -9.85 33.85 13.68
C ASN A 44 -8.44 34.37 13.90
N LYS A 45 -7.70 33.68 14.77
CA LYS A 45 -6.29 33.98 14.96
C LYS A 45 -5.48 33.25 13.90
N PRO A 46 -4.31 33.77 13.54
CA PRO A 46 -3.54 33.17 12.45
C PRO A 46 -2.73 31.99 12.96
N CYS A 47 -2.11 31.31 12.01
CA CYS A 47 -1.21 30.22 12.35
C CYS A 47 -0.12 30.72 13.30
N PRO A 48 0.12 30.05 14.43
CA PRO A 48 1.17 30.51 15.34
C PRO A 48 2.54 30.62 14.70
N VAL A 49 2.84 29.78 13.72
CA VAL A 49 4.20 29.70 13.20
C VAL A 49 4.44 30.75 12.12
N CYS A 50 3.60 30.78 11.09
CA CYS A 50 3.81 31.67 9.96
C CYS A 50 2.90 32.90 10.00
N ARG A 51 1.92 32.91 10.92
CA ARG A 51 1.04 34.06 11.10
C ARG A 51 0.22 34.36 9.85
N GLN A 52 -0.06 33.35 9.08
CA GLN A 52 -1.02 33.45 7.99
C GLN A 52 -2.41 33.05 8.48
N PRO A 53 -3.47 33.56 7.85
CA PRO A 53 -4.83 33.16 8.24
C PRO A 53 -5.02 31.66 8.13
N ILE A 54 -5.85 31.11 9.01
CA ILE A 54 -6.09 29.67 9.05
C ILE A 54 -7.25 29.33 8.12
N GLN A 55 -7.00 28.46 7.16
CA GLN A 55 -8.07 27.98 6.30
C GLN A 55 -8.98 27.01 7.06
N MET A 56 -8.40 26.02 7.71
CA MET A 56 -9.15 24.98 8.41
C MET A 56 -8.16 24.23 9.30
N ILE A 57 -8.70 23.50 10.26
CA ILE A 57 -7.93 22.54 11.04
C ILE A 57 -8.24 21.14 10.51
N VAL A 58 -7.19 20.34 10.32
CA VAL A 58 -7.36 18.93 9.98
C VAL A 58 -6.94 18.09 11.17
N LEU A 59 -7.88 17.32 11.69
CA LEU A 59 -7.58 16.34 12.73
C LEU A 59 -6.79 15.22 12.10
N THR A 60 -5.51 15.12 12.46
CA THR A 60 -4.54 14.32 11.73
C THR A 60 -4.25 13.01 12.47
N TYR A 61 -4.16 11.93 11.71
CA TYR A 61 -3.84 10.61 12.21
C TYR A 61 -2.59 10.09 11.51
N PHE A 62 -1.84 9.24 12.20
CA PHE A 62 -0.61 8.67 11.69
C PHE A 62 -0.74 7.15 11.65
N PRO A 63 -1.46 6.61 10.66
CA PRO A 63 -1.79 5.18 10.62
C PRO A 63 -0.62 4.32 10.19
N GLU B 1 -4.07 -6.57 16.63
CA GLU B 1 -4.97 -5.45 16.83
C GLU B 1 -4.19 -4.17 17.12
N ILE B 2 -3.50 -3.65 16.11
CA ILE B 2 -2.60 -2.52 16.29
C ILE B 2 -3.42 -1.23 16.36
N VAL B 3 -3.54 -0.68 17.55
CA VAL B 3 -4.08 0.66 17.76
C VAL B 3 -2.90 1.61 17.90
N GLU B 4 -2.98 2.76 17.24
CA GLU B 4 -1.85 3.69 17.26
C GLU B 4 -1.73 4.35 18.64
N PRO B 5 -0.50 4.61 19.09
CA PRO B 5 -0.32 5.20 20.42
C PRO B 5 -0.71 6.66 20.49
N GLU B 6 -0.56 7.25 21.68
CA GLU B 6 -0.98 8.63 21.90
C GLU B 6 -0.19 9.59 21.01
N PHE B 7 1.15 9.46 21.02
CA PHE B 7 2.04 10.31 20.25
C PHE B 7 2.47 9.61 18.97
N PRO B 8 2.79 10.37 17.92
CA PRO B 8 2.98 9.76 16.60
C PRO B 8 4.39 9.22 16.39
N HIS B 9 4.67 8.11 17.08
CA HIS B 9 5.99 7.50 17.03
C HIS B 9 6.40 7.11 15.61
N ASN B 10 5.45 6.77 14.76
CA ASN B 10 5.76 6.36 13.40
C ASN B 10 5.83 7.53 12.42
N ALA B 11 5.71 8.77 12.91
CA ALA B 11 5.74 9.92 12.02
C ALA B 11 7.05 10.02 11.26
N ILE B 12 8.14 9.49 11.82
CA ILE B 12 9.44 9.56 11.15
C ILE B 12 9.68 8.37 10.22
N GLU B 13 8.81 7.37 10.24
CA GLU B 13 8.97 6.25 9.33
C GLU B 13 8.64 6.70 7.91
N PRO B 14 9.26 6.10 6.90
CA PRO B 14 9.06 6.58 5.53
C PRO B 14 7.65 6.32 5.03
N CYS B 15 7.29 7.09 4.00
CA CYS B 15 6.04 6.90 3.28
C CYS B 15 5.77 5.41 3.06
N VAL B 16 4.56 4.98 3.38
CA VAL B 16 4.24 3.56 3.30
C VAL B 16 4.12 3.05 1.88
N ILE B 17 4.09 3.95 0.90
CA ILE B 17 3.94 3.56 -0.50
C ILE B 17 5.28 3.43 -1.20
N CYS B 18 6.11 4.47 -1.15
CA CYS B 18 7.42 4.41 -1.79
C CYS B 18 8.53 3.95 -0.85
N GLN B 19 8.28 4.04 0.47
CA GLN B 19 9.20 3.54 1.49
C GLN B 19 10.52 4.29 1.55
N THR B 20 10.60 5.49 0.99
CA THR B 20 11.85 6.25 1.05
C THR B 20 11.67 7.69 1.51
N ARG B 21 10.56 8.31 1.16
CA ARG B 21 10.40 9.74 1.41
C ARG B 21 9.62 10.01 2.70
N PRO B 22 9.84 11.17 3.32
CA PRO B 22 9.13 11.47 4.57
C PRO B 22 7.63 11.62 4.35
N LYS B 23 6.89 11.39 5.43
CA LYS B 23 5.43 11.53 5.47
C LYS B 23 5.06 13.00 5.57
N ASN B 24 4.87 13.64 4.41
CA ASN B 24 4.51 15.05 4.37
C ASN B 24 3.33 15.30 3.45
N GLY B 25 2.63 14.25 3.02
CA GLY B 25 1.47 14.43 2.17
C GLY B 25 0.18 14.03 2.85
N CYS B 26 -0.45 14.95 3.57
CA CYS B 26 -1.63 14.61 4.34
C CYS B 26 -2.83 14.42 3.42
N ILE B 27 -3.47 13.26 3.52
CA ILE B 27 -4.65 12.94 2.73
C ILE B 27 -5.86 13.46 3.51
N VAL B 28 -6.52 14.49 2.98
CA VAL B 28 -7.61 15.15 3.70
C VAL B 28 -8.96 14.74 3.13
N HIS B 29 -9.89 14.47 4.03
CA HIS B 29 -11.27 14.15 3.70
C HIS B 29 -12.13 14.70 4.83
N GLY B 30 -12.98 15.67 4.51
CA GLY B 30 -13.78 16.31 5.55
C GLY B 30 -12.89 17.10 6.49
N LYS B 31 -12.95 16.78 7.79
CA LYS B 31 -12.14 17.47 8.79
C LYS B 31 -11.01 16.60 9.33
N THR B 32 -10.81 15.41 8.77
CA THR B 32 -9.78 14.50 9.20
C THR B 32 -8.78 14.26 8.08
N GLY B 33 -7.62 13.75 8.46
CA GLY B 33 -6.57 13.49 7.51
C GLY B 33 -5.72 12.31 7.95
N HIS B 34 -5.32 11.49 6.98
CA HIS B 34 -4.40 10.39 7.23
C HIS B 34 -3.04 10.74 6.64
N LEU B 35 -2.03 10.78 7.49
CA LEU B 35 -0.67 11.15 7.12
C LEU B 35 0.18 9.90 7.25
N MET B 36 0.35 9.20 6.14
CA MET B 36 1.23 8.04 6.09
C MET B 36 2.00 7.96 4.78
N ALA B 37 1.87 8.96 3.93
CA ALA B 37 2.50 8.97 2.61
C ALA B 37 3.17 10.31 2.38
N CYS B 38 4.15 10.29 1.48
CA CYS B 38 4.80 11.52 1.06
C CYS B 38 3.89 12.29 0.11
N PHE B 39 4.24 13.56 -0.11
CA PHE B 39 3.44 14.44 -0.95
C PHE B 39 3.33 13.89 -2.37
N THR B 40 4.44 13.39 -2.92
CA THR B 40 4.43 12.86 -4.28
C THR B 40 3.48 11.68 -4.41
N CYS B 41 3.60 10.70 -3.51
CA CYS B 41 2.74 9.52 -3.59
C CYS B 41 1.29 9.86 -3.31
N ALA B 42 1.05 10.75 -2.35
CA ALA B 42 -0.33 11.12 -2.02
C ALA B 42 -0.98 11.87 -3.18
N LYS B 43 -0.23 12.75 -3.85
CA LYS B 43 -0.76 13.44 -5.01
C LYS B 43 -1.13 12.46 -6.11
N LYS B 44 -0.32 11.40 -6.29
CA LYS B 44 -0.62 10.42 -7.32
C LYS B 44 -1.92 9.67 -7.02
N LEU B 45 -2.18 9.37 -5.75
CA LEU B 45 -3.45 8.74 -5.39
C LEU B 45 -4.62 9.60 -5.82
N LYS B 46 -4.57 10.90 -5.49
CA LYS B 46 -5.66 11.79 -5.85
C LYS B 46 -5.77 11.96 -7.36
N LYS B 47 -4.62 12.14 -8.04
CA LYS B 47 -4.63 12.29 -9.48
C LYS B 47 -5.29 11.09 -10.16
N ARG B 48 -5.00 9.88 -9.67
CA ARG B 48 -5.53 8.65 -10.22
C ARG B 48 -6.92 8.31 -9.67
N ASN B 49 -7.53 9.21 -8.90
CA ASN B 49 -8.88 9.02 -8.37
C ASN B 49 -8.98 7.80 -7.45
N LYS B 50 -7.95 7.57 -6.70
CA LYS B 50 -8.06 6.49 -5.74
C LYS B 50 -8.45 7.05 -4.36
N PRO B 51 -9.15 6.27 -3.54
CA PRO B 51 -9.52 6.76 -2.22
C PRO B 51 -8.34 6.67 -1.26
N CYS B 52 -8.53 7.24 -0.08
CA CYS B 52 -7.56 7.09 0.98
C CYS B 52 -7.35 5.60 1.27
N PRO B 53 -6.13 5.09 1.23
CA PRO B 53 -5.94 3.65 1.44
C PRO B 53 -6.32 3.18 2.84
N VAL B 54 -6.23 4.05 3.83
CA VAL B 54 -6.48 3.64 5.21
C VAL B 54 -7.96 3.55 5.51
N CYS B 55 -8.73 4.58 5.15
CA CYS B 55 -10.13 4.66 5.52
C CYS B 55 -11.09 4.56 4.34
N ARG B 56 -10.59 4.59 3.12
CA ARG B 56 -11.37 4.39 1.90
C ARG B 56 -12.31 5.56 1.61
N GLN B 57 -12.17 6.69 2.31
CA GLN B 57 -12.94 7.86 1.96
C GLN B 57 -12.35 8.51 0.72
N PRO B 58 -13.18 9.18 -0.09
CA PRO B 58 -12.63 9.95 -1.22
C PRO B 58 -11.66 11.01 -0.72
N ILE B 59 -10.63 11.27 -1.52
CA ILE B 59 -9.61 12.25 -1.17
C ILE B 59 -10.06 13.61 -1.70
N GLN B 60 -10.31 14.55 -0.79
CA GLN B 60 -10.66 15.89 -1.24
C GLN B 60 -9.44 16.70 -1.67
N MET B 61 -8.35 16.61 -0.92
CA MET B 61 -7.12 17.30 -1.29
C MET B 61 -5.96 16.69 -0.52
N ILE B 62 -4.76 16.94 -1.03
CA ILE B 62 -3.51 16.62 -0.34
C ILE B 62 -2.93 17.93 0.19
N VAL B 63 -2.60 17.95 1.47
CA VAL B 63 -1.99 19.11 2.11
C VAL B 63 -0.52 18.81 2.36
N LEU B 64 0.36 19.61 1.78
CA LEU B 64 1.79 19.49 2.02
C LEU B 64 2.07 19.93 3.44
N THR B 65 2.51 19.01 4.29
CA THR B 65 2.55 19.22 5.72
C THR B 65 3.98 19.43 6.20
N TYR B 66 4.18 20.49 6.95
CA TYR B 66 5.46 20.81 7.56
C TYR B 66 5.34 20.67 9.07
N PHE B 67 6.46 20.36 9.72
CA PHE B 67 6.51 20.11 11.15
C PHE B 67 7.54 21.07 11.75
N PRO B 68 7.16 22.34 11.97
CA PRO B 68 8.13 23.36 12.42
C PRO B 68 8.56 23.17 13.87
N GLU C 1 2.77 8.17 -28.39
CA GLU C 1 1.77 7.39 -27.66
C GLU C 1 2.33 6.90 -26.33
N PRO C 2 1.62 7.17 -25.24
CA PRO C 2 2.09 6.72 -23.92
C PRO C 2 2.01 5.21 -23.80
N GLU C 3 3.09 4.61 -23.33
CA GLU C 3 3.18 3.17 -23.09
C GLU C 3 3.04 2.88 -21.60
N PHE C 4 2.44 1.74 -21.29
CA PHE C 4 2.19 1.32 -19.91
C PHE C 4 2.57 -0.15 -19.77
N PRO C 5 3.85 -0.45 -19.59
CA PRO C 5 4.27 -1.86 -19.51
C PRO C 5 3.97 -2.46 -18.15
N HIS C 6 3.50 -3.71 -18.17
CA HIS C 6 3.19 -4.44 -16.95
C HIS C 6 3.48 -5.91 -17.23
N ASN C 7 4.48 -6.48 -16.56
CA ASN C 7 4.91 -7.83 -16.88
C ASN C 7 3.81 -8.86 -16.66
N ALA C 8 2.99 -8.65 -15.63
CA ALA C 8 1.99 -9.65 -15.26
C ALA C 8 0.99 -9.90 -16.38
N ILE C 9 0.71 -8.89 -17.20
CA ILE C 9 -0.30 -9.00 -18.25
C ILE C 9 0.27 -9.43 -19.59
N GLU C 10 1.59 -9.56 -19.69
CA GLU C 10 2.18 -10.08 -20.92
C GLU C 10 2.00 -11.58 -21.00
N PRO C 11 2.00 -12.15 -22.20
CA PRO C 11 1.81 -13.61 -22.30
C PRO C 11 3.01 -14.38 -21.78
N CYS C 12 2.75 -15.64 -21.45
CA CYS C 12 3.79 -16.60 -21.07
C CYS C 12 5.07 -16.40 -21.87
N VAL C 13 6.20 -16.28 -21.15
N VAL C 13 6.20 -16.27 -21.16
CA VAL C 13 7.48 -16.05 -21.80
CA VAL C 13 7.47 -16.05 -21.84
C VAL C 13 7.92 -17.25 -22.63
C VAL C 13 7.82 -17.24 -22.74
N ILE C 14 7.37 -18.43 -22.35
CA ILE C 14 7.77 -19.65 -23.05
CA ILE C 14 7.77 -19.65 -23.05
C ILE C 14 6.95 -19.84 -24.33
N CYS C 15 5.61 -19.75 -24.22
CA CYS C 15 4.77 -20.06 -25.39
C CYS C 15 4.17 -18.84 -26.06
N GLN C 16 4.12 -17.70 -25.37
CA GLN C 16 3.65 -16.43 -25.92
C GLN C 16 2.16 -16.38 -26.25
N THR C 17 1.38 -17.39 -25.87
CA THR C 17 -0.02 -17.45 -26.27
C THR C 17 -0.98 -17.74 -25.11
N ARG C 18 -0.48 -17.75 -23.87
CA ARG C 18 -1.28 -18.08 -22.70
C ARG C 18 -0.98 -17.08 -21.61
N PRO C 19 -1.94 -16.83 -20.71
CA PRO C 19 -1.69 -15.90 -19.60
C PRO C 19 -0.77 -16.51 -18.56
N LYS C 20 -0.11 -15.64 -17.79
CA LYS C 20 0.84 -16.05 -16.76
C LYS C 20 0.07 -16.45 -15.52
N ASN C 21 -0.18 -17.76 -15.38
CA ASN C 21 -0.85 -18.32 -14.21
C ASN C 21 -0.12 -19.54 -13.64
N GLY C 22 1.11 -19.79 -14.05
CA GLY C 22 1.88 -20.89 -13.53
C GLY C 22 3.03 -20.42 -12.67
N CYS C 23 2.75 -20.13 -11.40
CA CYS C 23 3.79 -19.58 -10.53
C CYS C 23 4.81 -20.65 -10.18
N ILE C 24 6.09 -20.36 -10.42
CA ILE C 24 7.18 -21.29 -10.17
C ILE C 24 7.76 -20.97 -8.80
N VAL C 25 7.54 -21.87 -7.83
CA VAL C 25 7.93 -21.62 -6.44
C VAL C 25 9.30 -22.22 -6.20
N HIS C 26 10.09 -21.54 -5.38
CA HIS C 26 11.39 -22.02 -4.93
C HIS C 26 11.66 -21.28 -3.64
N GLY C 27 11.94 -22.02 -2.57
CA GLY C 27 12.02 -21.40 -1.26
C GLY C 27 10.70 -20.77 -0.88
N LYS C 28 10.75 -19.54 -0.38
CA LYS C 28 9.55 -18.79 -0.06
C LYS C 28 9.14 -17.84 -1.18
N THR C 29 9.78 -17.90 -2.34
CA THR C 29 9.48 -16.95 -3.41
C THR C 29 8.91 -17.67 -4.62
N GLY C 30 8.35 -16.88 -5.52
CA GLY C 30 7.81 -17.41 -6.74
C GLY C 30 8.13 -16.49 -7.90
N HIS C 31 8.43 -17.06 -9.06
CA HIS C 31 8.60 -16.31 -10.30
C HIS C 31 7.41 -16.64 -11.18
N LEU C 32 6.61 -15.63 -11.53
CA LEU C 32 5.42 -15.78 -12.34
C LEU C 32 5.68 -15.10 -13.68
N MET C 33 6.06 -15.92 -14.66
CA MET C 33 6.31 -15.43 -16.02
CA MET C 33 6.32 -15.44 -16.02
C MET C 33 5.93 -16.47 -17.07
N ALA C 34 5.38 -17.61 -16.66
CA ALA C 34 4.98 -18.69 -17.56
C ALA C 34 3.57 -19.11 -17.21
N CYS C 35 2.88 -19.69 -18.18
CA CYS C 35 1.57 -20.27 -17.94
C CYS C 35 1.69 -21.60 -17.21
N PHE C 36 0.56 -22.10 -16.72
CA PHE C 36 0.57 -23.33 -15.94
C PHE C 36 1.10 -24.51 -16.75
N THR C 37 0.67 -24.62 -18.01
CA THR C 37 1.08 -25.77 -18.82
C THR C 37 2.59 -25.77 -19.02
N CYS C 38 3.16 -24.64 -19.42
CA CYS C 38 4.60 -24.58 -19.65
C CYS C 38 5.38 -24.79 -18.35
N ALA C 39 4.92 -24.20 -17.26
CA ALA C 39 5.63 -24.33 -15.99
C ALA C 39 5.61 -25.78 -15.49
N LYS C 40 4.45 -26.44 -15.61
CA LYS C 40 4.34 -27.84 -15.20
C LYS C 40 5.26 -28.75 -16.02
N LYS C 41 5.41 -28.46 -17.32
CA LYS C 41 6.32 -29.26 -18.13
C LYS C 41 7.75 -29.19 -17.61
N LEU C 42 8.17 -28.03 -17.11
CA LEU C 42 9.50 -27.91 -16.54
C LEU C 42 9.63 -28.69 -15.24
N LYS C 43 8.66 -28.54 -14.33
CA LYS C 43 8.72 -29.27 -13.06
C LYS C 43 8.74 -30.77 -13.30
N LYS C 44 7.97 -31.25 -14.28
CA LYS C 44 7.94 -32.67 -14.60
C LYS C 44 9.30 -33.16 -15.09
N ARG C 45 9.99 -32.33 -15.86
CA ARG C 45 11.30 -32.68 -16.40
C ARG C 45 12.45 -32.33 -15.46
N ASN C 46 12.13 -31.86 -14.25
CA ASN C 46 13.15 -31.44 -13.27
C ASN C 46 14.03 -30.32 -13.82
N LYS C 47 13.51 -29.53 -14.73
CA LYS C 47 14.25 -28.38 -15.18
C LYS C 47 14.06 -27.24 -14.19
N PRO C 48 15.04 -26.36 -14.07
CA PRO C 48 14.97 -25.29 -13.08
C PRO C 48 14.07 -24.16 -13.58
N CYS C 49 13.85 -23.20 -12.68
CA CYS C 49 13.11 -22.01 -13.04
C CYS C 49 13.79 -21.33 -14.23
N PRO C 50 13.06 -20.99 -15.29
CA PRO C 50 13.68 -20.36 -16.46
C PRO C 50 14.41 -19.07 -16.12
N VAL C 51 13.92 -18.33 -15.13
CA VAL C 51 14.43 -16.99 -14.88
C VAL C 51 15.69 -17.03 -14.02
N CYS C 52 15.61 -17.66 -12.86
CA CYS C 52 16.72 -17.65 -11.91
C CYS C 52 17.48 -18.96 -11.89
N ARG C 53 16.97 -20.00 -12.55
CA ARG C 53 17.67 -21.28 -12.71
C ARG C 53 17.90 -22.00 -11.39
N GLN C 54 17.01 -21.77 -10.43
CA GLN C 54 16.94 -22.54 -9.20
C GLN C 54 15.99 -23.72 -9.37
N PRO C 55 16.20 -24.80 -8.61
CA PRO C 55 15.26 -25.93 -8.68
C PRO C 55 13.84 -25.49 -8.33
N ILE C 56 12.87 -26.14 -8.99
CA ILE C 56 11.46 -25.81 -8.81
C ILE C 56 10.88 -26.63 -7.68
N GLN C 57 10.36 -25.94 -6.66
CA GLN C 57 9.69 -26.63 -5.56
C GLN C 57 8.35 -27.20 -6.01
N MET C 58 7.50 -26.35 -6.61
CA MET C 58 6.17 -26.71 -7.05
C MET C 58 5.70 -25.63 -8.00
N ILE C 59 4.63 -25.94 -8.73
CA ILE C 59 3.89 -24.95 -9.52
C ILE C 59 2.61 -24.63 -8.78
N VAL C 60 2.29 -23.35 -8.66
CA VAL C 60 1.01 -22.93 -8.10
C VAL C 60 0.18 -22.37 -9.23
N LEU C 61 -0.99 -22.97 -9.45
CA LEU C 61 -1.94 -22.44 -10.43
C LEU C 61 -2.56 -21.19 -9.83
N THR C 62 -2.30 -20.05 -10.44
CA THR C 62 -2.51 -18.76 -9.79
C THR C 62 -3.71 -18.06 -10.40
N TYR C 63 -4.54 -17.49 -9.52
CA TYR C 63 -5.72 -16.74 -9.88
C TYR C 63 -5.59 -15.33 -9.37
N PHE C 64 -6.23 -14.39 -10.08
CA PHE C 64 -6.20 -12.97 -9.74
C PHE C 64 -7.62 -12.50 -9.48
N PRO C 65 -8.19 -12.83 -8.31
CA PRO C 65 -9.57 -12.51 -8.01
C PRO C 65 -9.78 -11.06 -7.64
N GLU D 1 -18.53 -10.64 -7.09
CA GLU D 1 -17.81 -11.69 -7.80
C GLU D 1 -18.29 -11.79 -9.24
N ILE D 2 -17.36 -11.65 -10.18
CA ILE D 2 -17.64 -11.78 -11.60
C ILE D 2 -16.71 -12.84 -12.17
N VAL D 3 -16.93 -13.17 -13.44
CA VAL D 3 -16.01 -14.04 -14.16
C VAL D 3 -14.79 -13.20 -14.58
N GLU D 4 -13.61 -13.57 -14.07
CA GLU D 4 -12.40 -12.84 -14.37
C GLU D 4 -11.93 -13.15 -15.79
N PRO D 5 -11.29 -12.18 -16.46
CA PRO D 5 -10.90 -12.40 -17.86
C PRO D 5 -9.75 -13.37 -18.05
N GLU D 6 -9.41 -13.63 -19.31
CA GLU D 6 -8.33 -14.57 -19.62
C GLU D 6 -7.00 -14.11 -19.02
N PHE D 7 -6.63 -12.85 -19.27
CA PHE D 7 -5.37 -12.31 -18.79
C PHE D 7 -5.58 -11.48 -17.54
N PRO D 8 -4.54 -11.33 -16.72
CA PRO D 8 -4.74 -10.74 -15.39
C PRO D 8 -4.64 -9.23 -15.37
N HIS D 9 -5.66 -8.59 -15.94
CA HIS D 9 -5.69 -7.15 -16.05
C HIS D 9 -5.60 -6.46 -14.70
N ASN D 10 -6.10 -7.09 -13.65
CA ASN D 10 -6.09 -6.47 -12.34
C ASN D 10 -4.82 -6.77 -11.54
N ALA D 11 -3.88 -7.53 -12.11
CA ALA D 11 -2.66 -7.85 -11.38
C ALA D 11 -1.86 -6.61 -11.00
N ILE D 12 -2.06 -5.51 -11.73
CA ILE D 12 -1.31 -4.27 -11.48
C ILE D 12 -2.00 -3.39 -10.46
N GLU D 13 -3.18 -3.76 -9.99
N GLU D 13 -3.19 -3.75 -10.01
CA GLU D 13 -3.83 -2.97 -8.97
CA GLU D 13 -3.87 -3.01 -8.95
C GLU D 13 -3.25 -3.33 -7.60
C GLU D 13 -3.21 -3.32 -7.61
N PRO D 14 -3.26 -2.39 -6.66
CA PRO D 14 -2.64 -2.64 -5.35
C PRO D 14 -3.41 -3.69 -4.55
N CYS D 15 -2.72 -4.19 -3.52
CA CYS D 15 -3.29 -5.10 -2.56
C CYS D 15 -4.69 -4.66 -2.15
N VAL D 16 -5.65 -5.59 -2.23
CA VAL D 16 -7.04 -5.25 -1.92
C VAL D 16 -7.29 -5.04 -0.43
N ILE D 17 -6.35 -5.43 0.41
CA ILE D 17 -6.52 -5.26 1.85
C ILE D 17 -6.00 -3.91 2.32
N CYS D 18 -4.78 -3.53 1.94
CA CYS D 18 -4.21 -2.27 2.41
C CYS D 18 -4.17 -1.16 1.36
N GLN D 19 -4.23 -1.51 0.07
CA GLN D 19 -4.22 -0.53 -1.02
C GLN D 19 -2.94 0.29 -1.09
N THR D 20 -1.86 -0.15 -0.44
CA THR D 20 -0.60 0.58 -0.45
C THR D 20 0.58 -0.22 -1.00
N ARG D 21 0.43 -1.51 -1.25
CA ARG D 21 1.52 -2.37 -1.68
C ARG D 21 1.06 -3.21 -2.85
N PRO D 22 1.99 -3.74 -3.65
CA PRO D 22 1.60 -4.52 -4.83
C PRO D 22 1.05 -5.87 -4.43
N LYS D 23 0.40 -6.52 -5.40
CA LYS D 23 -0.09 -7.88 -5.22
C LYS D 23 1.08 -8.85 -5.39
N ASN D 24 1.78 -9.10 -4.28
CA ASN D 24 2.95 -9.97 -4.31
C ASN D 24 2.88 -11.07 -3.26
N GLY D 25 1.74 -11.24 -2.60
CA GLY D 25 1.63 -12.24 -1.56
C GLY D 25 0.66 -13.34 -1.97
N CYS D 26 1.16 -14.36 -2.66
CA CYS D 26 0.26 -15.39 -3.16
C CYS D 26 -0.17 -16.29 -2.02
N ILE D 27 -1.49 -16.38 -1.83
CA ILE D 27 -2.07 -17.26 -0.81
C ILE D 27 -2.19 -18.64 -1.42
N VAL D 28 -1.44 -19.60 -0.89
CA VAL D 28 -1.34 -20.93 -1.49
C VAL D 28 -2.10 -21.94 -0.64
N HIS D 29 -2.87 -22.77 -1.32
CA HIS D 29 -3.60 -23.87 -0.68
C HIS D 29 -3.66 -25.00 -1.69
N GLY D 30 -3.02 -26.11 -1.36
CA GLY D 30 -2.92 -27.20 -2.31
C GLY D 30 -2.01 -26.81 -3.46
N LYS D 31 -2.53 -26.93 -4.67
CA LYS D 31 -1.79 -26.60 -5.88
C LYS D 31 -2.30 -25.31 -6.51
N THR D 32 -3.17 -24.58 -5.82
CA THR D 32 -3.72 -23.35 -6.34
C THR D 32 -3.37 -22.19 -5.43
N GLY D 33 -3.49 -20.99 -5.98
CA GLY D 33 -3.19 -19.80 -5.22
C GLY D 33 -4.06 -18.63 -5.62
N HIS D 34 -4.43 -17.81 -4.64
CA HIS D 34 -5.15 -16.57 -4.91
C HIS D 34 -4.23 -15.40 -4.64
N LEU D 35 -4.03 -14.58 -5.67
CA LEU D 35 -3.11 -13.45 -5.61
C LEU D 35 -3.90 -12.17 -5.73
N MET D 36 -4.18 -11.55 -4.58
CA MET D 36 -4.91 -10.28 -4.53
C MET D 36 -4.42 -9.38 -3.40
N ALA D 37 -3.47 -9.84 -2.60
CA ALA D 37 -2.96 -9.12 -1.46
C ALA D 37 -1.43 -9.07 -1.53
N CYS D 38 -0.86 -8.14 -0.78
CA CYS D 38 0.59 -8.09 -0.63
C CYS D 38 1.04 -9.14 0.38
N PHE D 39 2.36 -9.36 0.42
CA PHE D 39 2.92 -10.39 1.29
C PHE D 39 2.60 -10.11 2.76
N THR D 40 2.67 -8.85 3.16
CA THR D 40 2.43 -8.49 4.56
C THR D 40 0.99 -8.77 4.96
N CYS D 41 0.03 -8.33 4.16
CA CYS D 41 -1.37 -8.55 4.52
C CYS D 41 -1.73 -10.02 4.46
N ALA D 42 -1.21 -10.74 3.45
CA ALA D 42 -1.52 -12.16 3.34
C ALA D 42 -0.95 -12.94 4.52
N LYS D 43 0.29 -12.63 4.91
CA LYS D 43 0.88 -13.31 6.05
C LYS D 43 0.10 -13.03 7.33
N LYS D 44 -0.46 -11.83 7.47
CA LYS D 44 -1.28 -11.53 8.64
C LYS D 44 -2.50 -12.43 8.70
N LEU D 45 -3.12 -12.69 7.55
CA LEU D 45 -4.28 -13.60 7.51
C LEU D 45 -3.92 -14.95 8.07
N LYS D 46 -2.82 -15.54 7.59
CA LYS D 46 -2.43 -16.86 8.06
C LYS D 46 -2.10 -16.83 9.55
N LYS D 47 -1.37 -15.80 10.00
CA LYS D 47 -1.01 -15.72 11.41
C LYS D 47 -2.23 -15.61 12.30
N ARG D 48 -3.31 -15.02 11.79
CA ARG D 48 -4.54 -14.87 12.55
C ARG D 48 -5.49 -16.06 12.39
N ASN D 49 -5.01 -17.17 11.83
CA ASN D 49 -5.81 -18.38 11.63
C ASN D 49 -7.00 -18.12 10.69
N LYS D 50 -6.85 -17.18 9.77
CA LYS D 50 -7.91 -16.86 8.82
C LYS D 50 -7.70 -17.65 7.54
N PRO D 51 -8.77 -18.15 6.94
CA PRO D 51 -8.64 -18.84 5.65
C PRO D 51 -8.45 -17.81 4.54
N CYS D 52 -8.21 -18.34 3.34
CA CYS D 52 -8.17 -17.47 2.17
C CYS D 52 -9.50 -16.73 2.08
N PRO D 53 -9.50 -15.40 2.00
CA PRO D 53 -10.78 -14.68 1.94
C PRO D 53 -11.59 -14.98 0.68
N VAL D 54 -10.96 -15.47 -0.37
CA VAL D 54 -11.66 -15.69 -1.64
C VAL D 54 -12.35 -17.05 -1.67
N CYS D 55 -11.63 -18.13 -1.37
CA CYS D 55 -12.18 -19.48 -1.49
C CYS D 55 -12.40 -20.16 -0.15
N ARG D 56 -12.00 -19.53 0.95
CA ARG D 56 -12.21 -20.03 2.31
C ARG D 56 -11.41 -21.31 2.62
N GLN D 57 -10.42 -21.65 1.79
CA GLN D 57 -9.55 -22.77 2.14
C GLN D 57 -8.48 -22.31 3.14
N PRO D 58 -8.00 -23.21 3.99
CA PRO D 58 -6.91 -22.85 4.89
C PRO D 58 -5.67 -22.41 4.10
N ILE D 59 -4.96 -21.43 4.64
CA ILE D 59 -3.76 -20.89 3.99
C ILE D 59 -2.57 -21.75 4.41
N GLN D 60 -1.98 -22.46 3.45
CA GLN D 60 -0.82 -23.27 3.78
C GLN D 60 0.44 -22.45 3.90
N MET D 61 0.67 -21.53 2.95
CA MET D 61 1.82 -20.65 3.02
C MET D 61 1.56 -19.45 2.11
N ILE D 62 2.34 -18.40 2.34
CA ILE D 62 2.36 -17.24 1.47
C ILE D 62 3.63 -17.30 0.67
N VAL D 63 3.52 -17.16 -0.65
CA VAL D 63 4.67 -17.15 -1.53
C VAL D 63 4.86 -15.73 -2.02
N LEU D 64 6.03 -15.16 -1.73
CA LEU D 64 6.37 -13.83 -2.21
C LEU D 64 6.59 -13.90 -3.72
N THR D 65 5.71 -13.28 -4.49
CA THR D 65 5.62 -13.53 -5.93
C THR D 65 6.14 -12.33 -6.71
N TYR D 66 7.06 -12.61 -7.63
CA TYR D 66 7.66 -11.62 -8.51
C TYR D 66 7.24 -11.90 -9.94
N PHE D 67 7.17 -10.84 -10.74
CA PHE D 67 6.80 -10.91 -12.15
C PHE D 67 8.00 -10.42 -12.96
N PRO D 68 8.97 -11.30 -13.27
CA PRO D 68 10.18 -10.84 -13.95
C PRO D 68 9.97 -10.53 -15.43
#